data_3CFU
#
_entry.id   3CFU
#
_cell.length_a   62.678
_cell.length_b   41.687
_cell.length_c   65.656
_cell.angle_alpha   90.00
_cell.angle_beta   91.74
_cell.angle_gamma   90.00
#
_symmetry.space_group_name_H-M   'P 1 21 1'
#
loop_
_entity.id
_entity.type
_entity.pdbx_description
1 polymer 'Uncharacterized lipoprotein yjhA'
2 water water
#
_entity_poly.entity_id   1
_entity_poly.type   'polypeptide(L)'
_entity_poly.pdbx_seq_one_letter_code
;(MSE)HKIGETFKAGHTNFTVNKVDRVQKGEY(MSE)NVGGAVNEETKTIKDDEERLIIEVT(MSE)ENIGEDSISYNFI
GFDLRDKNDQSVRPVFSIEEKGRIL(MSE)GGTLVSGKKVTGVLSYVIPKGEQKHYTLVYNPFLADTNSSNTEERVKDDI
DYLVKLDLEHHHHHH
;
_entity_poly.pdbx_strand_id   A,B
#
# COMPACT_ATOMS: atom_id res chain seq x y z
N MSE A 1 11.59 -24.03 7.58
CA MSE A 1 11.19 -22.58 7.59
C MSE A 1 9.89 -22.44 8.37
O MSE A 1 9.86 -22.59 9.59
CB MSE A 1 10.99 -22.08 6.16
CG MSE A 1 12.23 -22.19 5.27
SE MSE A 1 11.77 -22.03 3.39
CE MSE A 1 13.24 -20.94 2.77
N HIS A 2 8.80 -22.12 7.66
CA HIS A 2 7.49 -22.01 8.29
C HIS A 2 6.50 -22.58 7.29
N LYS A 3 5.46 -23.21 7.80
CA LYS A 3 4.45 -23.84 6.97
C LYS A 3 3.15 -23.06 7.00
N ILE A 4 2.26 -23.38 6.06
CA ILE A 4 0.94 -22.75 6.00
C ILE A 4 0.15 -23.24 7.22
N GLY A 5 -0.51 -22.32 7.91
CA GLY A 5 -1.30 -22.69 9.08
C GLY A 5 -0.63 -22.40 10.41
N GLU A 6 0.69 -22.37 10.41
CA GLU A 6 1.45 -22.13 11.63
C GLU A 6 1.62 -20.65 12.00
N THR A 7 1.44 -20.36 13.29
CA THR A 7 1.60 -19.01 13.82
C THR A 7 3.00 -18.95 14.47
N PHE A 8 3.71 -17.85 14.24
CA PHE A 8 5.04 -17.70 14.83
C PHE A 8 5.33 -16.23 15.17
N LYS A 9 6.29 -16.01 16.07
CA LYS A 9 6.67 -14.65 16.46
C LYS A 9 7.63 -14.04 15.44
N ALA A 10 7.30 -12.85 14.95
CA ALA A 10 8.11 -12.15 13.97
C ALA A 10 8.08 -10.66 14.32
N GLY A 11 9.14 -10.21 14.99
CA GLY A 11 9.20 -8.83 15.40
C GLY A 11 8.21 -8.61 16.55
N HIS A 12 7.41 -7.56 16.44
CA HIS A 12 6.41 -7.21 17.45
C HIS A 12 5.03 -7.74 17.08
N THR A 13 5.01 -8.75 16.21
CA THR A 13 3.76 -9.35 15.77
C THR A 13 3.83 -10.88 15.80
N ASN A 14 2.66 -11.53 15.79
CA ASN A 14 2.61 -12.99 15.66
C ASN A 14 2.03 -12.99 14.26
N PHE A 15 2.59 -13.79 13.38
CA PHE A 15 2.15 -13.81 12.00
C PHE A 15 1.76 -15.19 11.50
N THR A 16 0.76 -15.25 10.63
CA THR A 16 0.36 -16.54 10.12
C THR A 16 -0.23 -16.49 8.71
N VAL A 17 0.10 -17.51 7.93
CA VAL A 17 -0.46 -17.64 6.59
C VAL A 17 -1.58 -18.65 6.81
N ASN A 18 -2.83 -18.20 6.64
CA ASN A 18 -3.99 -19.07 6.85
C ASN A 18 -4.19 -20.10 5.75
N LYS A 19 -4.67 -19.68 4.59
CA LYS A 19 -4.89 -20.60 3.49
C LYS A 19 -4.43 -20.02 2.16
N VAL A 20 -4.38 -20.88 1.15
CA VAL A 20 -4.04 -20.45 -0.19
C VAL A 20 -5.11 -20.98 -1.14
N ASP A 21 -6.02 -20.11 -1.55
CA ASP A 21 -7.05 -20.53 -2.50
C ASP A 21 -6.50 -20.14 -3.88
N ARG A 22 -7.01 -20.78 -4.93
CA ARG A 22 -6.60 -20.48 -6.30
C ARG A 22 -7.85 -20.27 -7.13
N VAL A 23 -7.84 -19.26 -8.00
CA VAL A 23 -8.99 -19.01 -8.87
C VAL A 23 -8.47 -19.05 -10.30
N GLN A 24 -9.38 -19.18 -11.27
CA GLN A 24 -8.98 -19.18 -12.68
C GLN A 24 -9.68 -18.01 -13.38
N LYS A 25 -10.82 -18.26 -14.00
CA LYS A 25 -11.54 -17.19 -14.68
C LYS A 25 -11.68 -15.96 -13.79
N GLY A 26 -11.37 -14.80 -14.37
CA GLY A 26 -11.48 -13.55 -13.63
C GLY A 26 -10.47 -12.50 -14.05
N GLU A 27 -10.80 -11.24 -13.82
CA GLU A 27 -9.91 -10.14 -14.13
C GLU A 27 -9.16 -9.81 -12.86
N TYR A 28 -7.86 -9.59 -12.99
CA TYR A 28 -7.02 -9.25 -11.86
C TYR A 28 -6.27 -7.96 -12.19
N MSE A 29 -5.60 -7.40 -11.18
CA MSE A 29 -4.90 -6.13 -11.34
C MSE A 29 -3.61 -6.03 -10.55
O MSE A 29 -3.53 -6.53 -9.43
CB MSE A 29 -5.82 -5.02 -10.84
CG MSE A 29 -6.49 -4.16 -11.85
SE MSE A 29 -7.50 -2.84 -10.88
CE MSE A 29 -8.79 -4.02 -10.03
N ASN A 30 -2.62 -5.35 -11.12
CA ASN A 30 -1.36 -5.18 -10.43
C ASN A 30 -1.50 -4.15 -9.31
N VAL A 31 -1.01 -4.52 -8.13
CA VAL A 31 -1.09 -3.64 -6.96
C VAL A 31 -0.02 -2.57 -6.95
N GLY A 32 0.04 -1.78 -8.03
CA GLY A 32 0.99 -0.70 -8.08
C GLY A 32 2.03 -0.61 -9.19
N GLY A 33 2.25 0.61 -9.68
CA GLY A 33 3.24 0.90 -10.71
C GLY A 33 2.98 0.39 -12.12
N ALA A 34 1.82 0.72 -12.67
CA ALA A 34 1.41 0.26 -14.01
C ALA A 34 0.60 1.31 -14.79
N THR A 41 -7.17 -3.52 -18.80
CA THR A 41 -7.80 -4.71 -18.26
C THR A 41 -7.13 -6.00 -18.74
N ILE A 42 -6.55 -6.74 -17.79
CA ILE A 42 -5.91 -8.02 -18.11
C ILE A 42 -6.74 -9.14 -17.46
N LYS A 43 -6.77 -10.29 -18.12
CA LYS A 43 -7.60 -11.41 -17.66
C LYS A 43 -6.82 -12.54 -17.05
N ASP A 44 -7.35 -13.74 -17.16
CA ASP A 44 -6.66 -14.92 -16.65
C ASP A 44 -5.28 -15.04 -17.33
N ASP A 45 -4.25 -15.38 -16.55
CA ASP A 45 -2.86 -15.55 -17.09
C ASP A 45 -2.61 -17.06 -17.06
N GLU A 46 -2.49 -17.59 -15.84
CA GLU A 46 -2.53 -19.06 -15.70
C GLU A 46 -3.38 -19.34 -14.42
N GLU A 47 -2.84 -19.00 -13.26
CA GLU A 47 -3.52 -19.22 -11.99
C GLU A 47 -3.17 -18.13 -10.98
N ARG A 48 -4.16 -17.71 -10.20
CA ARG A 48 -3.95 -16.66 -9.22
C ARG A 48 -4.03 -17.18 -7.79
N LEU A 49 -2.95 -16.96 -7.04
CA LEU A 49 -2.92 -17.34 -5.64
C LEU A 49 -3.67 -16.27 -4.81
N ILE A 50 -4.37 -16.73 -3.79
CA ILE A 50 -5.08 -15.83 -2.88
C ILE A 50 -4.66 -16.24 -1.49
N ILE A 51 -3.56 -15.67 -1.02
CA ILE A 51 -3.05 -15.98 0.30
C ILE A 51 -3.70 -15.11 1.36
N GLU A 52 -4.28 -15.75 2.37
CA GLU A 52 -4.90 -15.04 3.48
C GLU A 52 -3.90 -15.13 4.62
N VAL A 53 -3.61 -13.98 5.22
CA VAL A 53 -2.66 -13.91 6.33
C VAL A 53 -3.24 -13.13 7.50
N THR A 54 -2.64 -13.29 8.68
CA THR A 54 -3.10 -12.61 9.88
C THR A 54 -1.90 -12.03 10.62
N MSE A 55 -2.05 -10.79 11.09
CA MSE A 55 -1.03 -10.11 11.85
C MSE A 55 -1.59 -9.77 13.23
O MSE A 55 -2.67 -9.18 13.35
CB MSE A 55 -0.61 -8.79 11.17
CG MSE A 55 0.29 -8.96 9.97
SE MSE A 55 0.76 -7.29 9.09
CE MSE A 55 1.81 -6.45 10.47
N GLU A 56 -0.85 -10.13 14.26
CA GLU A 56 -1.27 -9.83 15.61
C GLU A 56 -0.23 -8.96 16.30
N ASN A 57 -0.63 -7.77 16.71
CA ASN A 57 0.28 -6.87 17.40
C ASN A 57 0.38 -7.30 18.85
N ILE A 58 1.60 -7.66 19.27
CA ILE A 58 1.88 -8.10 20.64
C ILE A 58 2.87 -7.16 21.30
N GLY A 59 3.02 -5.98 20.70
CA GLY A 59 3.90 -4.98 21.27
C GLY A 59 3.05 -3.86 21.85
N GLU A 60 3.68 -2.89 22.51
CA GLU A 60 2.97 -1.76 23.10
C GLU A 60 2.59 -0.70 22.05
N ASP A 61 3.53 -0.38 21.16
CA ASP A 61 3.27 0.62 20.12
C ASP A 61 2.27 0.18 19.08
N SER A 62 1.54 1.14 18.53
CA SER A 62 0.59 0.83 17.48
C SER A 62 1.41 0.48 16.24
N ILE A 63 0.81 -0.29 15.35
CA ILE A 63 1.48 -0.72 14.14
C ILE A 63 0.68 -0.25 12.92
N SER A 64 1.38 0.37 11.97
CA SER A 64 0.79 0.82 10.72
C SER A 64 1.25 -0.21 9.70
N TYR A 65 0.46 -1.27 9.54
CA TYR A 65 0.79 -2.36 8.63
C TYR A 65 0.63 -1.93 7.19
N ASN A 66 1.43 -2.52 6.30
CA ASN A 66 1.40 -2.13 4.90
C ASN A 66 1.75 -3.27 3.95
N PHE A 67 1.15 -3.28 2.77
CA PHE A 67 1.41 -4.33 1.80
C PHE A 67 2.88 -4.46 1.40
N ILE A 68 3.64 -3.37 1.46
CA ILE A 68 5.05 -3.44 1.06
C ILE A 68 5.88 -4.41 1.92
N GLY A 69 5.32 -4.85 3.03
CA GLY A 69 6.07 -5.75 3.88
C GLY A 69 6.00 -7.18 3.39
N PHE A 70 5.35 -7.38 2.26
CA PHE A 70 5.18 -8.72 1.71
C PHE A 70 5.79 -8.94 0.34
N ASP A 71 6.17 -10.18 0.07
CA ASP A 71 6.77 -10.53 -1.20
C ASP A 71 6.72 -12.03 -1.43
N LEU A 72 6.51 -12.41 -2.69
CA LEU A 72 6.45 -13.81 -3.09
C LEU A 72 7.67 -14.09 -3.97
N ARG A 73 8.40 -15.15 -3.64
CA ARG A 73 9.58 -15.50 -4.41
C ARG A 73 9.46 -16.88 -5.09
N ASP A 74 10.22 -17.06 -6.18
CA ASP A 74 10.24 -18.31 -6.96
C ASP A 74 11.24 -19.29 -6.36
N LYS A 75 11.45 -20.39 -7.07
CA LYS A 75 12.45 -21.37 -6.67
C LYS A 75 13.75 -20.65 -6.97
N ASN A 76 13.74 -19.76 -7.97
CA ASN A 76 14.94 -18.99 -8.33
C ASN A 76 15.00 -17.70 -7.48
N ASP A 77 14.20 -17.68 -6.40
CA ASP A 77 14.14 -16.56 -5.46
C ASP A 77 13.89 -15.18 -6.08
N GLN A 78 12.91 -15.12 -6.98
CA GLN A 78 12.57 -13.86 -7.64
C GLN A 78 11.18 -13.40 -7.25
N SER A 79 11.03 -12.10 -7.05
CA SER A 79 9.75 -11.53 -6.65
C SER A 79 8.68 -11.63 -7.71
N VAL A 80 7.45 -11.82 -7.26
CA VAL A 80 6.30 -11.90 -8.15
C VAL A 80 5.40 -10.70 -7.79
N ARG A 81 5.16 -9.85 -8.77
CA ARG A 81 4.33 -8.66 -8.58
C ARG A 81 3.03 -8.96 -7.83
N PRO A 82 2.64 -8.11 -6.86
CA PRO A 82 1.39 -8.35 -6.12
C PRO A 82 0.19 -7.97 -6.98
N VAL A 83 -0.93 -8.63 -6.76
CA VAL A 83 -2.13 -8.37 -7.55
C VAL A 83 -3.36 -8.30 -6.64
N PHE A 84 -4.47 -7.82 -7.19
CA PHE A 84 -5.72 -7.82 -6.43
C PHE A 84 -6.93 -8.01 -7.33
N SER A 85 -7.90 -8.77 -6.85
CA SER A 85 -9.11 -9.00 -7.61
C SER A 85 -10.29 -8.33 -6.91
N ILE A 86 -11.24 -7.88 -7.71
CA ILE A 86 -12.43 -7.20 -7.23
C ILE A 86 -13.25 -8.16 -6.36
N GLU A 87 -12.99 -9.45 -6.50
CA GLU A 87 -13.71 -10.46 -5.74
C GLU A 87 -13.47 -10.38 -4.24
N GLU A 88 -12.22 -10.48 -3.82
CA GLU A 88 -11.90 -10.40 -2.40
C GLU A 88 -12.03 -8.95 -1.91
N LYS A 89 -13.13 -8.31 -2.29
CA LYS A 89 -13.40 -6.93 -1.89
C LYS A 89 -13.58 -6.87 -0.38
N GLY A 90 -12.85 -5.95 0.26
CA GLY A 90 -12.91 -5.82 1.70
C GLY A 90 -11.87 -6.68 2.41
N ARG A 91 -11.26 -7.61 1.66
CA ARG A 91 -10.26 -8.50 2.24
C ARG A 91 -8.84 -8.16 1.79
N ILE A 92 -8.72 -7.44 0.68
CA ILE A 92 -7.42 -7.05 0.14
C ILE A 92 -6.58 -6.33 1.20
N LEU A 93 -5.43 -6.91 1.53
CA LEU A 93 -4.53 -6.31 2.52
C LEU A 93 -3.83 -5.10 1.93
N MSE A 94 -4.08 -3.92 2.48
CA MSE A 94 -3.46 -2.71 1.95
C MSE A 94 -2.60 -1.99 2.99
O MSE A 94 -1.38 -1.96 2.87
CB MSE A 94 -4.55 -1.78 1.43
CG MSE A 94 -4.25 -1.18 0.09
SE MSE A 94 -3.93 -2.52 -1.30
CE MSE A 94 -5.71 -2.59 -2.03
N GLY A 95 -3.25 -1.41 3.98
CA GLY A 95 -2.57 -0.70 5.04
C GLY A 95 -3.59 -0.28 6.08
N GLY A 96 -3.11 0.12 7.26
CA GLY A 96 -4.00 0.56 8.31
C GLY A 96 -3.30 0.51 9.65
N THR A 97 -4.02 0.81 10.72
CA THR A 97 -3.43 0.78 12.04
C THR A 97 -3.92 -0.47 12.77
N LEU A 98 -3.02 -1.07 13.55
CA LEU A 98 -3.26 -2.27 14.33
C LEU A 98 -2.76 -1.94 15.73
N VAL A 99 -3.66 -1.53 16.60
CA VAL A 99 -3.29 -1.17 17.96
C VAL A 99 -2.88 -2.40 18.74
N SER A 100 -2.09 -2.19 19.80
CA SER A 100 -1.59 -3.28 20.64
C SER A 100 -2.65 -4.31 21.01
N GLY A 101 -2.31 -5.58 20.88
CA GLY A 101 -3.23 -6.65 21.21
C GLY A 101 -4.21 -7.03 20.12
N LYS A 102 -4.32 -6.23 19.07
CA LYS A 102 -5.28 -6.54 18.01
C LYS A 102 -4.75 -7.30 16.80
N LYS A 103 -5.66 -7.98 16.11
CA LYS A 103 -5.32 -8.75 14.92
C LYS A 103 -5.97 -8.13 13.71
N VAL A 104 -5.42 -8.47 12.54
CA VAL A 104 -5.96 -8.00 11.28
C VAL A 104 -5.75 -9.15 10.29
N THR A 105 -6.77 -9.47 9.51
CA THR A 105 -6.66 -10.57 8.55
C THR A 105 -6.98 -10.02 7.17
N GLY A 106 -6.18 -10.42 6.18
CA GLY A 106 -6.36 -9.94 4.82
C GLY A 106 -5.72 -10.84 3.79
N VAL A 107 -5.85 -10.48 2.52
CA VAL A 107 -5.31 -11.31 1.46
C VAL A 107 -4.28 -10.65 0.56
N LEU A 108 -3.37 -11.48 0.04
CA LEU A 108 -2.32 -11.07 -0.90
C LEU A 108 -2.62 -11.91 -2.14
N SER A 109 -2.33 -11.38 -3.32
CA SER A 109 -2.62 -12.12 -4.54
C SER A 109 -1.52 -12.03 -5.59
N TYR A 110 -1.29 -13.13 -6.30
CA TYR A 110 -0.25 -13.20 -7.32
C TYR A 110 -0.66 -14.15 -8.45
N VAL A 111 -0.13 -13.88 -9.64
CA VAL A 111 -0.41 -14.70 -10.81
C VAL A 111 0.80 -15.56 -11.11
N ILE A 112 0.59 -16.87 -11.17
CA ILE A 112 1.67 -17.80 -11.43
C ILE A 112 1.24 -18.95 -12.35
N PRO A 113 2.19 -19.77 -12.82
CA PRO A 113 1.94 -20.91 -13.70
C PRO A 113 0.99 -21.92 -13.07
N LYS A 114 0.11 -22.52 -13.88
CA LYS A 114 -0.85 -23.49 -13.38
C LYS A 114 -0.23 -24.56 -12.48
N GLY A 115 -0.92 -24.83 -11.36
CA GLY A 115 -0.46 -25.83 -10.40
C GLY A 115 1.02 -25.81 -10.08
N GLU A 116 1.60 -24.61 -10.02
CA GLU A 116 3.02 -24.44 -9.73
C GLU A 116 3.19 -23.92 -8.31
N GLN A 117 2.12 -23.93 -7.52
CA GLN A 117 2.15 -23.37 -6.18
C GLN A 117 3.24 -23.78 -5.20
N LYS A 118 3.62 -25.04 -5.22
CA LYS A 118 4.61 -25.55 -4.29
C LYS A 118 6.00 -24.95 -4.41
N HIS A 119 6.28 -24.26 -5.52
CA HIS A 119 7.59 -23.66 -5.73
C HIS A 119 7.67 -22.25 -5.17
N TYR A 120 6.65 -21.84 -4.43
CA TYR A 120 6.59 -20.48 -3.89
C TYR A 120 6.68 -20.29 -2.38
N THR A 121 7.41 -19.25 -2.00
CA THR A 121 7.60 -18.92 -0.60
C THR A 121 7.10 -17.50 -0.35
N LEU A 122 6.28 -17.33 0.68
CA LEU A 122 5.81 -16.00 1.02
C LEU A 122 6.86 -15.47 1.98
N VAL A 123 7.20 -14.20 1.82
CA VAL A 123 8.19 -13.55 2.66
C VAL A 123 7.50 -12.47 3.48
N TYR A 124 7.86 -12.39 4.75
CA TYR A 124 7.26 -11.39 5.61
C TYR A 124 8.36 -10.71 6.42
N ASN A 125 8.47 -9.40 6.29
CA ASN A 125 9.46 -8.63 7.05
C ASN A 125 8.65 -7.67 7.92
N PRO A 126 8.59 -7.93 9.23
CA PRO A 126 7.84 -7.08 10.18
C PRO A 126 8.29 -5.63 10.26
N PHE A 127 9.58 -5.38 10.05
CA PHE A 127 10.08 -4.01 10.08
C PHE A 127 9.51 -3.29 8.83
N LEU A 128 9.57 -3.96 7.68
CA LEU A 128 9.04 -3.41 6.44
C LEU A 128 7.52 -3.25 6.50
N ALA A 129 6.85 -4.24 7.09
CA ALA A 129 5.38 -4.25 7.20
C ALA A 129 4.82 -3.18 8.10
N ASP A 130 5.65 -2.70 9.01
CA ASP A 130 5.20 -1.67 9.93
C ASP A 130 5.79 -0.32 9.51
N THR A 131 4.90 0.57 9.10
CA THR A 131 5.31 1.86 8.59
C THR A 131 5.21 3.06 9.57
N ASN A 132 5.05 2.74 10.86
CA ASN A 132 4.98 3.73 11.91
C ASN A 132 6.31 4.49 11.88
N SER A 133 6.27 5.80 11.61
CA SER A 133 7.49 6.60 11.54
C SER A 133 7.99 7.17 12.87
N SER A 134 7.18 7.06 13.92
CA SER A 134 7.55 7.59 15.22
C SER A 134 8.54 6.76 16.05
N ASN A 135 8.64 5.47 15.74
CA ASN A 135 9.49 4.55 16.49
C ASN A 135 10.32 3.66 15.60
N THR A 136 10.72 4.19 14.46
CA THR A 136 11.51 3.43 13.48
C THR A 136 12.87 2.96 13.99
N GLU A 137 13.66 3.87 14.55
CA GLU A 137 14.97 3.49 15.06
C GLU A 137 14.80 2.50 16.20
N GLU A 138 13.71 2.65 16.94
CA GLU A 138 13.43 1.79 18.09
C GLU A 138 13.01 0.37 17.71
N ARG A 139 13.11 0.02 16.44
CA ARG A 139 12.73 -1.31 16.01
C ARG A 139 13.50 -1.85 14.79
N VAL A 140 14.68 -1.31 14.54
CA VAL A 140 15.50 -1.76 13.43
C VAL A 140 15.87 -3.24 13.59
N LYS A 141 15.88 -3.73 14.83
CA LYS A 141 16.22 -5.12 15.07
C LYS A 141 15.22 -6.11 14.45
N ASP A 142 14.01 -5.64 14.21
CA ASP A 142 12.97 -6.49 13.62
C ASP A 142 13.19 -6.71 12.12
N ASP A 143 14.12 -5.97 11.54
CA ASP A 143 14.42 -6.06 10.11
C ASP A 143 15.00 -7.43 9.76
N ILE A 144 14.11 -8.41 9.57
CA ILE A 144 14.49 -9.78 9.23
C ILE A 144 13.38 -10.42 8.39
N ASP A 145 13.76 -11.18 7.35
CA ASP A 145 12.80 -11.85 6.47
C ASP A 145 12.34 -13.18 7.09
N TYR A 146 11.06 -13.50 6.96
CA TYR A 146 10.50 -14.75 7.47
C TYR A 146 9.85 -15.44 6.30
N LEU A 147 10.31 -16.65 5.99
CA LEU A 147 9.78 -17.38 4.86
C LEU A 147 8.74 -18.42 5.22
N VAL A 148 7.68 -18.48 4.44
CA VAL A 148 6.63 -19.48 4.63
C VAL A 148 6.49 -20.18 3.29
N LYS A 149 6.88 -21.45 3.25
CA LYS A 149 6.79 -22.24 2.02
C LYS A 149 5.33 -22.60 1.80
N LEU A 150 4.87 -22.48 0.57
CA LEU A 150 3.48 -22.76 0.27
C LEU A 150 3.23 -24.15 -0.32
N ASP A 151 3.20 -25.17 0.55
CA ASP A 151 2.91 -26.55 0.14
C ASP A 151 2.45 -27.41 1.32
N MSE B 1 -1.38 29.38 -0.20
CA MSE B 1 -1.56 27.90 -0.20
C MSE B 1 -1.20 27.31 -1.56
O MSE B 1 -0.52 27.96 -2.36
CB MSE B 1 -3.02 27.57 0.16
CG MSE B 1 -3.28 26.15 0.63
SE MSE B 1 -4.70 26.02 1.95
CE MSE B 1 -6.01 27.19 1.14
N HIS B 2 -1.63 26.08 -1.83
CA HIS B 2 -1.38 25.43 -3.11
C HIS B 2 -2.73 25.10 -3.74
N LYS B 3 -2.83 25.29 -5.04
CA LYS B 3 -4.08 25.05 -5.78
C LYS B 3 -3.98 23.92 -6.80
N ILE B 4 -5.13 23.50 -7.33
CA ILE B 4 -5.21 22.45 -8.33
C ILE B 4 -4.48 22.88 -9.62
N GLY B 5 -3.77 21.94 -10.23
CA GLY B 5 -3.04 22.24 -11.45
C GLY B 5 -1.67 22.82 -11.21
N GLU B 6 -1.33 23.13 -9.97
CA GLU B 6 -0.04 23.72 -9.66
C GLU B 6 1.04 22.67 -9.28
N THR B 7 2.28 22.94 -9.68
CA THR B 7 3.39 22.05 -9.40
C THR B 7 4.35 22.79 -8.48
N PHE B 8 4.70 22.18 -7.36
CA PHE B 8 5.60 22.80 -6.39
C PHE B 8 6.57 21.78 -5.80
N LYS B 9 7.62 22.27 -5.17
CA LYS B 9 8.63 21.40 -4.56
C LYS B 9 8.23 20.99 -3.14
N ALA B 10 8.28 19.69 -2.87
CA ALA B 10 7.94 19.15 -1.57
C ALA B 10 8.85 17.95 -1.34
N GLY B 11 9.80 18.10 -0.43
CA GLY B 11 10.76 17.05 -0.17
C GLY B 11 11.63 16.87 -1.40
N HIS B 12 11.87 15.62 -1.76
CA HIS B 12 12.69 15.29 -2.93
C HIS B 12 11.83 15.02 -4.15
N THR B 13 10.69 15.69 -4.23
CA THR B 13 9.77 15.51 -5.35
C THR B 13 9.13 16.81 -5.78
N ASN B 14 8.73 16.89 -7.05
CA ASN B 14 7.96 18.05 -7.47
C ASN B 14 6.61 17.37 -7.39
N PHE B 15 5.62 18.02 -6.81
CA PHE B 15 4.30 17.43 -6.66
C PHE B 15 3.21 18.28 -7.27
N THR B 16 2.19 17.62 -7.79
CA THR B 16 1.09 18.38 -8.34
C THR B 16 -0.23 17.61 -8.40
N VAL B 17 -1.31 18.32 -8.11
CA VAL B 17 -2.64 17.76 -8.18
C VAL B 17 -3.15 18.18 -9.56
N ASN B 18 -3.20 17.25 -10.50
CA ASN B 18 -3.62 17.58 -11.86
C ASN B 18 -5.13 17.80 -12.00
N LYS B 19 -5.90 16.72 -12.01
CA LYS B 19 -7.34 16.86 -12.12
C LYS B 19 -8.02 16.45 -10.82
N VAL B 20 -9.16 17.07 -10.53
CA VAL B 20 -9.93 16.71 -9.35
C VAL B 20 -11.32 16.41 -9.91
N ASP B 21 -11.49 15.20 -10.42
CA ASP B 21 -12.75 14.76 -11.00
C ASP B 21 -13.80 14.58 -9.90
N ARG B 22 -15.06 14.44 -10.29
CA ARG B 22 -16.14 14.27 -9.32
C ARG B 22 -17.07 13.12 -9.72
N VAL B 23 -16.84 12.55 -10.90
CA VAL B 23 -17.62 11.43 -11.39
C VAL B 23 -17.70 10.36 -10.29
N GLU B 27 -20.52 1.79 -5.99
CA GLU B 27 -19.77 1.24 -7.11
C GLU B 27 -18.27 1.31 -6.81
N TYR B 28 -17.91 1.19 -5.53
CA TYR B 28 -16.51 1.32 -5.09
C TYR B 28 -16.13 0.49 -3.86
N MSE B 29 -14.87 0.57 -3.47
CA MSE B 29 -14.36 -0.17 -2.31
C MSE B 29 -13.52 0.69 -1.36
O MSE B 29 -13.28 1.86 -1.61
CB MSE B 29 -13.52 -1.36 -2.76
CG MSE B 29 -14.25 -2.38 -3.62
SE MSE B 29 -13.07 -3.76 -4.27
CE MSE B 29 -12.64 -3.01 -6.02
N ASN B 30 -13.07 0.08 -0.26
CA ASN B 30 -12.26 0.79 0.73
C ASN B 30 -10.80 0.31 0.81
N VAL B 31 -9.92 1.17 1.32
CA VAL B 31 -8.50 0.84 1.47
C VAL B 31 -8.23 0.21 2.84
N GLY B 32 -7.80 -1.04 2.84
CA GLY B 32 -7.53 -1.73 4.09
C GLY B 32 -8.84 -1.88 4.85
N LYS B 40 -20.33 -7.64 0.05
CA LYS B 40 -20.35 -6.56 1.03
C LYS B 40 -19.99 -5.24 0.37
N THR B 41 -20.58 -5.00 -0.81
CA THR B 41 -20.32 -3.77 -1.57
C THR B 41 -20.89 -2.51 -0.91
N ILE B 42 -20.34 -1.36 -1.28
CA ILE B 42 -20.82 -0.09 -0.73
C ILE B 42 -21.25 0.86 -1.85
N LYS B 43 -22.05 1.86 -1.49
CA LYS B 43 -22.52 2.88 -2.43
C LYS B 43 -22.35 4.25 -1.79
N ASP B 44 -22.15 5.28 -2.61
CA ASP B 44 -21.91 6.65 -2.14
C ASP B 44 -22.57 7.04 -0.82
N ARG B 48 -18.30 10.85 -5.64
CA ARG B 48 -16.99 10.35 -5.26
C ARG B 48 -15.87 11.07 -6.01
N LEU B 49 -14.94 11.65 -5.26
CA LEU B 49 -13.81 12.37 -5.82
C LEU B 49 -12.74 11.45 -6.41
N ILE B 50 -12.19 11.85 -7.55
CA ILE B 50 -11.10 11.12 -8.19
C ILE B 50 -10.03 12.18 -8.42
N ILE B 51 -9.06 12.22 -7.51
CA ILE B 51 -7.96 13.17 -7.58
C ILE B 51 -6.76 12.53 -8.28
N GLU B 52 -6.34 13.13 -9.40
CA GLU B 52 -5.18 12.61 -10.12
C GLU B 52 -3.97 13.42 -9.67
N VAL B 53 -2.96 12.73 -9.18
CA VAL B 53 -1.75 13.41 -8.70
C VAL B 53 -0.51 12.91 -9.43
N THR B 54 0.56 13.72 -9.40
CA THR B 54 1.81 13.34 -10.03
C THR B 54 2.98 13.66 -9.09
N MSE B 55 3.89 12.71 -8.96
CA MSE B 55 5.08 12.87 -8.14
C MSE B 55 6.26 12.68 -9.04
O MSE B 55 6.35 11.68 -9.77
CB MSE B 55 5.18 11.80 -7.04
CG MSE B 55 4.25 11.95 -5.87
SE MSE B 55 4.21 10.31 -4.78
CE MSE B 55 6.02 10.35 -4.06
N GLU B 56 7.18 13.63 -8.99
CA GLU B 56 8.39 13.58 -9.80
C GLU B 56 9.58 13.58 -8.84
N ASN B 57 10.43 12.57 -8.96
CA ASN B 57 11.62 12.43 -8.12
C ASN B 57 12.77 13.27 -8.64
N ILE B 58 13.12 14.31 -7.89
CA ILE B 58 14.20 15.24 -8.24
C ILE B 58 15.42 15.05 -7.34
N GLY B 59 15.44 13.94 -6.59
CA GLY B 59 16.55 13.69 -5.70
C GLY B 59 17.42 12.55 -6.22
N GLU B 60 18.46 12.18 -5.48
CA GLU B 60 19.34 11.11 -5.93
C GLU B 60 18.83 9.71 -5.57
N ASP B 61 18.49 9.51 -4.30
CA ASP B 61 18.00 8.21 -3.88
C ASP B 61 16.67 7.88 -4.53
N SER B 62 16.45 6.59 -4.77
CA SER B 62 15.20 6.13 -5.34
C SER B 62 14.13 6.36 -4.27
N ILE B 63 12.89 6.55 -4.71
CA ILE B 63 11.77 6.77 -3.81
C ILE B 63 10.75 5.63 -3.94
N SER B 64 10.21 5.20 -2.79
CA SER B 64 9.19 4.15 -2.76
C SER B 64 7.92 4.88 -2.33
N TYR B 65 7.14 5.34 -3.30
CA TYR B 65 5.91 6.06 -3.02
C TYR B 65 4.86 5.12 -2.44
N ASN B 66 4.00 5.69 -1.58
CA ASN B 66 3.00 4.87 -0.92
C ASN B 66 1.79 5.73 -0.60
N PHE B 67 0.60 5.13 -0.66
CA PHE B 67 -0.64 5.85 -0.41
C PHE B 67 -0.70 6.49 0.98
N ILE B 68 0.08 5.98 1.93
CA ILE B 68 0.06 6.54 3.28
C ILE B 68 0.50 7.99 3.38
N GLY B 69 1.24 8.46 2.39
CA GLY B 69 1.70 9.83 2.41
C GLY B 69 0.61 10.84 2.11
N PHE B 70 -0.58 10.37 1.74
CA PHE B 70 -1.68 11.27 1.41
C PHE B 70 -2.81 11.31 2.45
N ASP B 71 -3.69 12.31 2.32
CA ASP B 71 -4.82 12.45 3.22
C ASP B 71 -5.73 13.59 2.77
N LEU B 72 -7.04 13.40 2.94
CA LEU B 72 -8.00 14.44 2.59
C LEU B 72 -8.56 14.95 3.92
N ARG B 73 -8.78 16.25 4.02
CA ARG B 73 -9.32 16.84 5.23
C ARG B 73 -10.48 17.78 4.91
N ASP B 74 -11.12 18.29 5.97
CA ASP B 74 -12.24 19.21 5.82
C ASP B 74 -11.99 20.47 6.66
N LYS B 75 -13.01 21.32 6.75
CA LYS B 75 -12.89 22.57 7.49
C LYS B 75 -12.25 22.40 8.87
N ASN B 76 -12.66 21.35 9.58
CA ASN B 76 -12.15 21.08 10.92
C ASN B 76 -10.85 20.29 11.00
N ASP B 77 -10.25 19.98 9.85
CA ASP B 77 -8.99 19.24 9.84
C ASP B 77 -9.28 17.80 10.26
N GLN B 78 -10.29 17.22 9.61
CA GLN B 78 -10.75 15.87 9.92
C GLN B 78 -10.51 14.93 8.73
N SER B 79 -9.67 13.91 8.94
CA SER B 79 -9.33 12.98 7.87
C SER B 79 -10.50 12.21 7.28
N VAL B 80 -10.46 12.00 5.96
CA VAL B 80 -11.49 11.24 5.28
C VAL B 80 -10.87 10.02 4.61
N ARG B 81 -11.27 8.84 5.10
CA ARG B 81 -10.78 7.57 4.58
C ARG B 81 -10.71 7.53 3.06
N PRO B 82 -9.67 6.87 2.51
CA PRO B 82 -9.50 6.76 1.07
C PRO B 82 -10.23 5.52 0.55
N VAL B 83 -10.58 5.52 -0.73
CA VAL B 83 -11.29 4.41 -1.33
C VAL B 83 -10.81 4.18 -2.75
N PHE B 84 -11.13 3.03 -3.32
CA PHE B 84 -10.73 2.75 -4.70
C PHE B 84 -11.83 2.03 -5.48
N SER B 85 -11.66 1.94 -6.79
CA SER B 85 -12.61 1.23 -7.66
C SER B 85 -11.99 0.92 -9.02
N ILE B 86 -12.50 -0.15 -9.63
CA ILE B 86 -12.02 -0.60 -10.93
C ILE B 86 -12.47 0.41 -11.98
N GLU B 87 -13.16 1.46 -11.50
CA GLU B 87 -13.64 2.53 -12.35
C GLU B 87 -12.46 3.50 -12.58
N GLU B 88 -11.28 3.09 -12.10
CA GLU B 88 -10.03 3.81 -12.31
C GLU B 88 -8.91 2.78 -12.37
N LYS B 89 -9.30 1.53 -12.63
CA LYS B 89 -8.36 0.41 -12.73
C LYS B 89 -7.05 0.81 -13.41
N GLY B 90 -5.97 0.16 -12.99
CA GLY B 90 -4.65 0.39 -13.56
C GLY B 90 -4.00 1.72 -13.25
N ARG B 91 -4.77 2.62 -12.63
CA ARG B 91 -4.27 3.95 -12.32
C ARG B 91 -4.38 4.33 -10.83
N ILE B 92 -4.96 3.44 -10.04
CA ILE B 92 -5.12 3.67 -8.59
C ILE B 92 -3.75 3.75 -7.93
N LEU B 93 -3.53 4.77 -7.11
CA LEU B 93 -2.24 4.92 -6.45
C LEU B 93 -2.10 4.05 -5.21
N MSE B 94 -1.11 3.18 -5.23
CA MSE B 94 -0.86 2.28 -4.12
C MSE B 94 0.56 2.40 -3.59
O MSE B 94 0.79 2.85 -2.46
CB MSE B 94 -1.13 0.83 -4.53
CG MSE B 94 -2.61 0.47 -4.57
SE MSE B 94 -3.50 0.90 -2.90
CE MSE B 94 -2.32 -0.09 -1.73
N GLY B 95 1.52 1.99 -4.41
CA GLY B 95 2.91 2.05 -4.03
C GLY B 95 3.76 1.53 -5.16
N GLY B 96 5.03 1.93 -5.17
CA GLY B 96 5.93 1.48 -6.21
C GLY B 96 7.30 2.12 -6.06
N THR B 97 8.11 1.99 -7.10
CA THR B 97 9.45 2.56 -7.10
C THR B 97 9.46 3.73 -8.08
N LEU B 98 10.10 4.82 -7.69
CA LEU B 98 10.22 6.00 -8.52
C LEU B 98 11.69 6.36 -8.48
N VAL B 99 12.44 5.92 -9.51
CA VAL B 99 13.87 6.20 -9.60
C VAL B 99 14.10 7.66 -9.94
N SER B 100 15.29 8.16 -9.60
CA SER B 100 15.66 9.55 -9.85
C SER B 100 15.29 10.06 -11.25
N GLY B 101 14.60 11.21 -11.26
CA GLY B 101 14.18 11.83 -12.50
C GLY B 101 12.86 11.33 -13.03
N LYS B 102 12.29 10.30 -12.41
CA LYS B 102 11.03 9.74 -12.89
C LYS B 102 9.73 10.32 -12.33
N LYS B 103 8.67 10.17 -13.13
CA LYS B 103 7.34 10.63 -12.76
C LYS B 103 6.40 9.45 -12.67
N VAL B 104 5.43 9.56 -11.77
CA VAL B 104 4.42 8.54 -11.60
C VAL B 104 3.11 9.31 -11.44
N THR B 105 2.08 8.90 -12.16
CA THR B 105 0.77 9.55 -12.09
C THR B 105 -0.19 8.47 -11.64
N GLY B 106 -1.16 8.84 -10.81
CA GLY B 106 -2.10 7.86 -10.31
C GLY B 106 -3.27 8.58 -9.67
N VAL B 107 -4.19 7.84 -9.06
CA VAL B 107 -5.34 8.50 -8.45
C VAL B 107 -5.70 8.09 -7.02
N LEU B 108 -6.24 9.06 -6.28
CA LEU B 108 -6.73 8.82 -4.94
C LEU B 108 -8.24 9.08 -5.08
N SER B 109 -9.04 8.45 -4.23
CA SER B 109 -10.48 8.64 -4.30
C SER B 109 -11.05 8.65 -2.90
N TYR B 110 -12.03 9.52 -2.67
CA TYR B 110 -12.67 9.65 -1.38
C TYR B 110 -14.17 9.87 -1.52
N VAL B 111 -14.94 9.30 -0.60
CA VAL B 111 -16.40 9.43 -0.60
C VAL B 111 -16.79 10.71 0.12
N ILE B 112 -17.34 11.65 -0.64
CA ILE B 112 -17.71 12.95 -0.12
C ILE B 112 -19.14 13.39 -0.40
N PRO B 113 -19.75 14.16 0.52
CA PRO B 113 -21.11 14.66 0.36
C PRO B 113 -21.24 15.41 -0.97
N GLN B 117 -20.51 19.47 -2.57
CA GLN B 117 -19.31 20.09 -3.10
C GLN B 117 -18.13 19.82 -2.18
N LYS B 118 -16.98 20.40 -2.53
CA LYS B 118 -15.77 20.19 -1.76
C LYS B 118 -15.11 21.38 -1.08
N HIS B 119 -15.18 21.43 0.25
CA HIS B 119 -14.48 22.47 1.02
C HIS B 119 -13.40 21.56 1.61
N TYR B 120 -12.83 20.71 0.75
CA TYR B 120 -11.82 19.75 1.16
C TYR B 120 -10.38 20.08 0.78
N THR B 121 -9.45 19.61 1.58
CA THR B 121 -8.03 19.87 1.33
C THR B 121 -7.24 18.58 1.17
N LEU B 122 -6.52 18.45 0.06
CA LEU B 122 -5.69 17.27 -0.13
C LEU B 122 -4.36 17.61 0.56
N VAL B 123 -3.82 16.63 1.27
CA VAL B 123 -2.57 16.77 2.01
C VAL B 123 -1.54 15.75 1.54
N TYR B 124 -0.33 16.23 1.31
CA TYR B 124 0.77 15.38 0.86
C TYR B 124 1.96 15.55 1.81
N ASN B 125 2.48 14.45 2.33
CA ASN B 125 3.66 14.52 3.20
C ASN B 125 4.71 13.69 2.46
N PRO B 126 5.71 14.36 1.87
CA PRO B 126 6.76 13.64 1.13
C PRO B 126 7.56 12.66 1.98
N PHE B 127 7.71 12.95 3.26
CA PHE B 127 8.43 12.04 4.14
C PHE B 127 7.60 10.75 4.29
N LEU B 128 6.31 10.88 4.55
CA LEU B 128 5.43 9.72 4.69
C LEU B 128 5.18 9.03 3.35
N ALA B 129 5.17 9.80 2.26
CA ALA B 129 4.94 9.24 0.94
C ALA B 129 6.06 8.32 0.49
N ASP B 130 7.26 8.55 1.03
CA ASP B 130 8.43 7.76 0.66
C ASP B 130 8.71 6.73 1.74
N THR B 131 8.59 5.47 1.37
CA THR B 131 8.77 4.39 2.33
C THR B 131 10.18 3.76 2.38
N ASN B 132 11.13 4.34 1.65
CA ASN B 132 12.51 3.87 1.61
C ASN B 132 13.15 3.91 3.01
N SER B 133 13.48 2.73 3.53
CA SER B 133 14.06 2.57 4.86
C SER B 133 15.57 2.77 4.99
N SER B 134 16.28 2.87 3.86
CA SER B 134 17.71 3.04 3.94
C SER B 134 18.18 4.47 4.16
N ASN B 135 17.28 5.44 4.00
CA ASN B 135 17.64 6.85 4.14
C ASN B 135 16.62 7.70 4.87
N THR B 136 16.00 7.15 5.90
CA THR B 136 14.99 7.86 6.67
C THR B 136 15.51 9.08 7.44
N GLU B 137 16.57 8.90 8.21
CA GLU B 137 17.12 9.99 9.01
C GLU B 137 17.69 11.13 8.17
N GLU B 138 17.96 10.84 6.91
CA GLU B 138 18.47 11.87 6.01
C GLU B 138 17.30 12.61 5.40
N ARG B 139 16.13 11.99 5.43
CA ARG B 139 14.93 12.59 4.85
C ARG B 139 13.95 13.19 5.86
N VAL B 140 14.27 13.14 7.14
CA VAL B 140 13.34 13.62 8.16
C VAL B 140 12.96 15.09 8.10
N LYS B 141 13.79 15.91 7.46
CA LYS B 141 13.50 17.33 7.33
C LYS B 141 12.32 17.52 6.38
N ASP B 142 11.99 16.46 5.64
CA ASP B 142 10.89 16.52 4.67
C ASP B 142 9.55 16.24 5.31
N ASP B 143 9.55 15.93 6.59
CA ASP B 143 8.32 15.61 7.32
C ASP B 143 7.48 16.88 7.45
N ILE B 144 6.73 17.19 6.41
CA ILE B 144 5.91 18.39 6.39
C ILE B 144 4.64 18.14 5.60
N ASP B 145 3.54 18.69 6.11
CA ASP B 145 2.26 18.57 5.44
C ASP B 145 2.19 19.65 4.35
N TYR B 146 1.79 19.27 3.13
CA TYR B 146 1.63 20.21 2.04
C TYR B 146 0.16 20.16 1.66
N LEU B 147 -0.55 21.25 1.87
CA LEU B 147 -1.98 21.30 1.60
C LEU B 147 -2.37 21.86 0.24
N VAL B 148 -3.35 21.20 -0.38
CA VAL B 148 -3.86 21.64 -1.67
C VAL B 148 -5.37 21.71 -1.62
N LYS B 149 -5.91 22.93 -1.52
CA LYS B 149 -7.35 23.12 -1.45
C LYS B 149 -7.97 22.72 -2.80
N LEU B 150 -9.09 22.01 -2.75
CA LEU B 150 -9.77 21.55 -3.96
C LEU B 150 -10.86 22.52 -4.45
N ASP B 151 -10.59 23.82 -4.30
CA ASP B 151 -11.52 24.88 -4.68
C ASP B 151 -11.50 25.27 -6.17
#